data_3GI0
#
_entry.id   3GI0
#
_cell.length_a   51.172
_cell.length_b   58.456
_cell.length_c   60.950
_cell.angle_alpha   90.00
_cell.angle_beta   90.00
_cell.angle_gamma   90.00
#
_symmetry.space_group_name_H-M   'P 21 21 21'
#
loop_
_entity.id
_entity.type
_entity.pdbx_description
1 polymer "COVALENT DIMER [L-ALA51,D-ALA51'] HIV-1 PROTEASE"
2 polymer 'JG-365 inhibitor'
3 water water
#
loop_
_entity_poly.entity_id
_entity_poly.type
_entity_poly.pdbx_seq_one_letter_code
_entity_poly.pdbx_strand_id
1 'polypeptide(L)'
;PQITLWKRPLVTIRIGGQLKEALLDTGADDTVIEE(NLE)NLPG(YCM)WKPK(NLE)IGGIAGFIKVRQYDQIPVEI
(ABA)GHKAIGTVLVGPTPVNIIGRNLLTQIG(ABA)TLNF(YCM)GGGGPQITLWKRPLVTIRIGGQLKEALLDTGADD
TVIEE(NLE)NLPG(YCM)WKPK(NLE)IGGI(DAL)GFIKVRQYDQIPVEI(ABA)GHKAIGTVLVGPTPVNIIGRNLL
TQIG(ABA)TLNF
;
A,B
2 'polypeptide(L)' (ACE)SLN(JG3)I(VME) C,D
#
# COMPACT_ATOMS: atom_id res chain seq x y z
N PRO A 1 1.29 -12.85 13.46
CA PRO A 1 0.17 -13.23 12.59
C PRO A 1 0.61 -13.34 11.12
N GLN A 2 -0.08 -14.18 10.35
CA GLN A 2 0.07 -14.25 8.88
C GLN A 2 -1.26 -13.77 8.32
N ILE A 3 -1.20 -12.80 7.42
CA ILE A 3 -2.41 -12.13 6.95
C ILE A 3 -2.45 -12.22 5.44
N THR A 4 -3.55 -12.75 4.92
CA THR A 4 -3.71 -12.91 3.49
C THR A 4 -4.43 -11.69 2.98
N LEU A 5 -4.58 -11.59 1.68
CA LEU A 5 -4.94 -10.30 1.10
C LEU A 5 -6.25 -10.34 0.31
N TRP A 6 -7.09 -11.35 0.59
CA TRP A 6 -8.39 -11.37 -0.08
C TRP A 6 -9.28 -10.24 0.34
N LYS A 7 -9.04 -9.68 1.53
CA LYS A 7 -9.76 -8.48 2.00
C LYS A 7 -8.69 -7.45 2.32
N ARG A 8 -9.06 -6.16 2.43
CA ARG A 8 -8.10 -5.17 2.98
C ARG A 8 -7.52 -5.62 4.32
N PRO A 9 -6.18 -5.53 4.47
CA PRO A 9 -5.51 -5.91 5.71
C PRO A 9 -5.70 -4.86 6.80
N LEU A 10 -6.95 -4.75 7.27
CA LEU A 10 -7.29 -3.78 8.34
C LEU A 10 -7.03 -4.43 9.68
N VAL A 11 -6.32 -3.72 10.55
CA VAL A 11 -6.05 -4.19 11.91
C VAL A 11 -6.40 -3.10 12.90
N THR A 12 -6.61 -3.48 14.14
CA THR A 12 -6.82 -2.47 15.18
C THR A 12 -5.46 -1.96 15.71
N ILE A 13 -5.34 -0.65 15.91
CA ILE A 13 -4.12 -0.12 16.48
C ILE A 13 -4.52 0.64 17.76
N ARG A 14 -3.57 0.81 18.66
CA ARG A 14 -3.76 1.75 19.80
C ARG A 14 -2.78 2.91 19.66
N ILE A 15 -3.28 4.13 19.80
CA ILE A 15 -2.50 5.34 19.52
C ILE A 15 -3.14 6.46 20.36
N GLY A 16 -2.29 7.19 21.09
CA GLY A 16 -2.74 8.23 22.02
C GLY A 16 -3.78 7.73 23.02
N GLY A 17 -3.74 6.45 23.40
CA GLY A 17 -4.72 5.87 24.31
C GLY A 17 -6.08 5.47 23.71
N GLN A 18 -6.26 5.66 22.41
CA GLN A 18 -7.54 5.39 21.71
C GLN A 18 -7.35 4.20 20.74
N LEU A 19 -8.42 3.50 20.39
CA LEU A 19 -8.35 2.46 19.34
C LEU A 19 -8.73 3.02 17.98
N LYS A 20 -8.02 2.61 16.93
CA LYS A 20 -8.36 2.99 15.58
C LYS A 20 -8.19 1.76 14.70
N GLU A 21 -8.85 1.76 13.53
CA GLU A 21 -8.64 0.71 12.55
C GLU A 21 -7.70 1.28 11.46
N ALA A 22 -6.74 0.49 10.99
CA ALA A 22 -5.81 1.02 9.96
C ALA A 22 -5.34 -0.10 9.05
N LEU A 23 -4.92 0.27 7.84
CA LEU A 23 -4.50 -0.67 6.80
C LEU A 23 -3.02 -0.91 6.87
N LEU A 24 -2.60 -2.18 6.93
CA LEU A 24 -1.15 -2.46 6.82
C LEU A 24 -0.73 -2.27 5.38
N ASP A 25 0.11 -1.27 5.10
CA ASP A 25 0.26 -0.76 3.75
C ASP A 25 1.72 -0.74 3.27
N THR A 26 2.13 -1.78 2.56
CA THR A 26 3.52 -1.87 2.09
C THR A 26 3.82 -0.82 1.05
N GLY A 27 2.77 -0.26 0.42
CA GLY A 27 2.94 0.79 -0.60
C GLY A 27 3.02 2.22 -0.04
N ALA A 28 3.03 2.33 1.29
CA ALA A 28 3.18 3.64 1.94
C ALA A 28 4.54 3.78 2.63
N ASP A 29 5.25 4.86 2.32
CA ASP A 29 6.53 5.14 3.01
C ASP A 29 6.23 5.46 4.47
N ASP A 30 5.12 6.17 4.68
CA ASP A 30 4.80 6.72 5.99
C ASP A 30 3.44 6.27 6.53
N THR A 31 3.19 6.62 7.78
CA THR A 31 1.96 6.22 8.47
C THR A 31 1.05 7.46 8.53
N VAL A 32 -0.18 7.30 8.01
CA VAL A 32 -1.11 8.46 7.92
C VAL A 32 -2.44 8.11 8.55
N ILE A 33 -2.86 8.93 9.52
CA ILE A 33 -4.11 8.70 10.22
C ILE A 33 -5.01 9.92 10.06
N GLU A 34 -6.30 9.65 9.95
CA GLU A 34 -7.31 10.69 9.85
C GLU A 34 -7.16 11.70 11.00
N GLU A 35 -7.71 12.88 10.77
CA GLU A 35 -7.63 13.95 11.76
C GLU A 35 -8.07 13.42 13.12
N ASN A 37 -6.85 14.01 17.71
CA ASN A 37 -6.04 14.70 18.70
C ASN A 37 -4.96 13.74 19.11
N LEU A 38 -3.72 14.15 18.98
CA LEU A 38 -2.59 13.35 19.40
C LEU A 38 -1.81 14.11 20.41
N PRO A 39 -1.64 13.52 21.63
CA PRO A 39 -0.70 14.15 22.51
C PRO A 39 0.68 14.07 21.86
N GLY A 40 1.41 15.19 21.87
CA GLY A 40 2.62 15.34 21.06
C GLY A 40 2.72 16.78 20.55
N TRP A 42 3.80 18.96 16.95
CA TRP A 42 3.78 18.62 15.51
C TRP A 42 4.33 19.75 14.62
N LYS A 43 4.67 19.42 13.38
CA LYS A 43 5.08 20.42 12.39
C LYS A 43 4.46 20.10 11.03
N PRO A 44 4.18 21.13 10.21
CA PRO A 44 3.55 20.89 8.91
C PRO A 44 4.43 20.13 7.95
N LYS A 45 3.82 19.19 7.21
CA LYS A 45 4.50 18.44 6.17
C LYS A 45 3.50 18.24 5.00
N ILE A 47 2.65 15.35 1.87
CA ILE A 47 2.97 14.02 1.40
C ILE A 47 2.13 13.73 0.18
N GLY A 48 2.58 12.76 -0.62
CA GLY A 48 1.95 12.50 -1.90
C GLY A 48 1.40 11.10 -2.02
N GLY A 49 0.49 10.97 -2.97
CA GLY A 49 -0.23 9.70 -3.16
C GLY A 49 -0.59 9.51 -4.63
N ILE A 50 -1.50 8.59 -4.89
CA ILE A 50 -1.84 8.29 -6.26
C ILE A 50 -2.29 9.53 -7.05
N ALA A 51 -2.97 10.45 -6.39
CA ALA A 51 -3.60 11.53 -7.13
C ALA A 51 -3.11 12.97 -6.88
N GLY A 52 -2.05 13.14 -6.09
CA GLY A 52 -1.46 14.46 -5.78
C GLY A 52 -0.98 14.54 -4.33
N PHE A 53 -0.95 15.75 -3.77
CA PHE A 53 -0.35 15.96 -2.42
C PHE A 53 -1.36 16.51 -1.45
N ILE A 54 -1.19 16.16 -0.15
CA ILE A 54 -1.99 16.74 0.93
C ILE A 54 -1.09 17.33 2.01
N LYS A 55 -1.63 18.25 2.80
CA LYS A 55 -0.94 18.79 3.94
C LYS A 55 -1.27 17.93 5.16
N VAL A 56 -0.26 17.59 5.95
CA VAL A 56 -0.47 16.79 7.16
C VAL A 56 0.24 17.40 8.37
N ARG A 57 -0.05 16.88 9.57
CA ARG A 57 0.67 17.27 10.78
C ARG A 57 1.63 16.17 11.11
N GLN A 58 2.92 16.48 11.14
CA GLN A 58 3.92 15.44 11.45
C GLN A 58 4.21 15.34 12.97
N TYR A 59 3.89 14.18 13.57
CA TYR A 59 4.23 13.98 14.99
C TYR A 59 5.33 12.95 15.11
N ASP A 60 6.42 13.30 15.80
CA ASP A 60 7.51 12.38 15.91
C ASP A 60 7.44 11.59 17.22
N GLN A 61 8.02 10.39 17.18
CA GLN A 61 8.27 9.55 18.34
C GLN A 61 6.99 9.26 19.12
N ILE A 62 5.98 8.84 18.37
CA ILE A 62 4.67 8.51 18.95
C ILE A 62 4.60 6.99 19.14
N PRO A 63 4.30 6.52 20.36
CA PRO A 63 4.05 5.08 20.52
C PRO A 63 2.73 4.61 19.85
N VAL A 64 2.77 3.46 19.18
CA VAL A 64 1.59 2.93 18.45
C VAL A 64 1.65 1.43 18.63
N GLU A 65 0.55 0.78 19.02
CA GLU A 65 0.58 -0.65 19.15
C GLU A 65 -0.26 -1.23 18.02
N ILE A 66 0.34 -2.12 17.24
CA ILE A 66 -0.30 -2.55 15.99
C ILE A 66 -0.54 -4.04 16.14
N GLY A 68 -1.06 -5.49 18.81
CA GLY A 68 -0.30 -5.93 19.96
C GLY A 68 1.21 -5.80 19.84
N HIS A 69 1.70 -5.37 18.68
CA HIS A 69 3.17 -5.18 18.49
C HIS A 69 3.54 -3.74 18.63
N LYS A 70 4.59 -3.44 19.40
CA LYS A 70 4.85 -2.05 19.74
C LYS A 70 5.77 -1.39 18.72
N ALA A 71 5.51 -0.12 18.47
CA ALA A 71 6.36 0.69 17.60
C ALA A 71 6.38 2.09 18.24
N ILE A 72 7.40 2.88 17.95
CA ILE A 72 7.44 4.30 18.39
C ILE A 72 8.05 5.05 17.23
N GLY A 73 7.28 5.93 16.60
CA GLY A 73 7.78 6.52 15.38
C GLY A 73 6.88 7.62 14.90
N THR A 74 7.13 8.04 13.66
CA THR A 74 6.46 9.24 13.11
C THR A 74 5.06 8.90 12.66
N VAL A 75 4.11 9.75 13.02
CA VAL A 75 2.74 9.52 12.60
C VAL A 75 2.28 10.83 12.00
N LEU A 76 1.73 10.75 10.80
CA LEU A 76 1.23 11.92 10.08
C LEU A 76 -0.29 11.94 10.22
N VAL A 77 -0.84 13.12 10.51
CA VAL A 77 -2.27 13.27 10.73
C VAL A 77 -2.83 14.19 9.68
N GLY A 78 -3.82 13.71 8.95
CA GLY A 78 -4.38 14.52 7.87
C GLY A 78 -5.50 13.80 7.16
N PRO A 79 -6.03 14.41 6.08
CA PRO A 79 -7.15 13.92 5.21
C PRO A 79 -6.80 12.76 4.29
N THR A 80 -6.44 11.63 4.87
CA THR A 80 -6.29 10.42 4.11
C THR A 80 -7.66 9.72 4.02
N PRO A 81 -7.98 9.07 2.87
CA PRO A 81 -9.24 8.32 2.86
C PRO A 81 -9.33 7.12 3.75
N VAL A 82 -8.19 6.50 4.09
CA VAL A 82 -8.15 5.34 4.98
C VAL A 82 -6.90 5.51 5.87
N ASN A 83 -7.02 5.20 7.16
CA ASN A 83 -5.84 5.16 8.03
C ASN A 83 -4.86 4.11 7.55
N ILE A 84 -3.58 4.47 7.50
CA ILE A 84 -2.59 3.55 6.92
C ILE A 84 -1.36 3.44 7.81
N ILE A 85 -0.90 2.22 8.01
CA ILE A 85 0.40 1.98 8.67
C ILE A 85 1.40 1.73 7.55
N GLY A 86 2.37 2.62 7.40
CA GLY A 86 3.32 2.49 6.36
C GLY A 86 4.63 1.88 6.83
N ARG A 87 5.60 1.87 5.93
CA ARG A 87 6.82 1.08 6.16
C ARG A 87 7.60 1.58 7.36
N ASN A 88 7.48 2.86 7.68
CA ASN A 88 8.26 3.36 8.84
C ASN A 88 7.92 2.59 10.12
N LEU A 89 6.66 2.22 10.32
CA LEU A 89 6.29 1.39 11.47
C LEU A 89 6.25 -0.11 11.16
N LEU A 90 5.93 -0.49 9.90
CA LEU A 90 5.90 -1.93 9.57
C LEU A 90 7.27 -2.54 9.84
N THR A 91 8.33 -1.80 9.52
CA THR A 91 9.65 -2.31 9.81
C THR A 91 9.87 -2.49 11.31
N GLN A 92 9.27 -1.64 12.13
CA GLN A 92 9.55 -1.73 13.59
C GLN A 92 8.90 -2.98 14.18
N ILE A 93 7.81 -3.45 13.57
CA ILE A 93 7.10 -4.66 14.09
C ILE A 93 7.54 -5.96 13.40
N GLY A 94 8.54 -5.80 12.53
CA GLY A 94 9.20 -6.91 11.83
C GLY A 94 8.30 -7.51 10.77
N THR A 96 7.10 -8.51 7.09
CA THR A 96 7.67 -8.79 5.75
C THR A 96 6.56 -9.27 4.82
N LEU A 97 6.79 -9.20 3.51
CA LEU A 97 5.93 -9.78 2.53
C LEU A 97 6.54 -11.09 2.17
N ASN A 98 5.69 -12.07 1.90
CA ASN A 98 6.19 -13.42 1.63
C ASN A 98 5.35 -14.02 0.52
N PHE A 99 5.97 -14.70 -0.42
CA PHE A 99 5.18 -15.35 -1.45
C PHE A 99 4.88 -16.78 -1.03
N GLY A 101 3.23 -18.47 1.04
CA GLY A 101 3.17 -18.91 2.42
C GLY A 101 4.49 -18.84 3.13
N GLY A 102 5.50 -18.30 2.45
CA GLY A 102 6.86 -18.35 2.95
C GLY A 102 7.74 -19.39 2.26
N GLY A 103 7.18 -20.07 1.28
CA GLY A 103 8.00 -21.00 0.50
C GLY A 103 8.71 -20.21 -0.57
N GLY A 104 8.17 -19.04 -0.90
CA GLY A 104 8.74 -18.18 -1.94
C GLY A 104 9.57 -17.06 -1.34
N PRO A 105 9.89 -16.03 -2.15
CA PRO A 105 10.81 -15.01 -1.59
C PRO A 105 10.16 -14.24 -0.44
N GLN A 106 11.02 -13.72 0.44
CA GLN A 106 10.64 -12.85 1.52
C GLN A 106 11.18 -11.48 1.14
N ILE A 107 10.36 -10.46 1.31
CA ILE A 107 10.74 -9.12 0.96
C ILE A 107 10.58 -8.24 2.20
N THR A 108 11.68 -7.62 2.63
CA THR A 108 11.61 -6.78 3.81
C THR A 108 11.15 -5.40 3.36
N LEU A 109 10.89 -4.53 4.33
CA LEU A 109 10.22 -3.29 4.01
C LEU A 109 11.11 -2.10 4.34
N TRP A 110 12.44 -2.35 4.41
CA TRP A 110 13.36 -1.25 4.66
C TRP A 110 13.32 -0.23 3.55
N LYS A 111 13.11 -0.70 2.31
CA LYS A 111 12.93 0.23 1.17
C LYS A 111 11.60 -0.11 0.48
N ARG A 112 11.19 0.70 -0.47
CA ARG A 112 9.96 0.39 -1.22
C ARG A 112 10.16 -0.96 -1.87
N PRO A 113 9.17 -1.86 -1.73
CA PRO A 113 9.19 -3.21 -2.30
C PRO A 113 8.90 -3.24 -3.79
N LEU A 114 9.94 -2.85 -4.54
CA LEU A 114 9.89 -2.77 -5.98
C LEU A 114 10.44 -4.06 -6.56
N VAL A 115 9.71 -4.60 -7.52
CA VAL A 115 10.07 -5.86 -8.16
C VAL A 115 9.81 -5.71 -9.62
N THR A 116 10.40 -6.60 -10.40
CA THR A 116 10.18 -6.63 -11.85
C THR A 116 8.90 -7.39 -12.21
N ILE A 117 8.06 -6.76 -13.04
CA ILE A 117 6.89 -7.47 -13.58
C ILE A 117 6.99 -7.60 -15.10
N ARG A 118 6.22 -8.52 -15.68
CA ARG A 118 6.05 -8.59 -17.12
C ARG A 118 4.58 -8.41 -17.44
N ILE A 119 4.26 -7.44 -18.30
CA ILE A 119 2.89 -7.23 -18.72
C ILE A 119 2.85 -6.78 -20.17
N GLY A 120 1.98 -7.41 -20.95
CA GLY A 120 1.82 -7.00 -22.37
C GLY A 120 3.10 -7.22 -23.15
N GLY A 121 3.89 -8.19 -22.70
CA GLY A 121 5.18 -8.48 -23.28
C GLY A 121 6.28 -7.49 -22.90
N GLN A 122 5.96 -6.56 -21.98
CA GLN A 122 6.87 -5.51 -21.53
C GLN A 122 7.29 -5.74 -20.08
N LEU A 123 8.56 -5.50 -19.78
CA LEU A 123 9.03 -5.56 -18.40
C LEU A 123 8.95 -4.18 -17.78
N LYS A 124 8.43 -4.10 -16.54
CA LYS A 124 8.32 -2.83 -15.81
C LYS A 124 8.66 -3.08 -14.34
N GLU A 125 8.86 -2.02 -13.59
CA GLU A 125 9.14 -2.16 -12.16
C GLU A 125 7.88 -1.73 -11.45
N ALA A 126 7.48 -2.46 -10.41
CA ALA A 126 6.25 -2.11 -9.71
C ALA A 126 6.36 -2.41 -8.24
N LEU A 127 5.53 -1.71 -7.47
CA LEU A 127 5.55 -1.76 -6.01
C LEU A 127 4.52 -2.82 -5.59
N LEU A 128 4.95 -3.77 -4.75
CA LEU A 128 4.02 -4.75 -4.20
C LEU A 128 3.24 -4.05 -3.07
N ASP A 129 1.94 -3.82 -3.25
CA ASP A 129 1.25 -2.85 -2.38
C ASP A 129 0.00 -3.41 -1.75
N THR A 130 0.14 -3.81 -0.49
CA THR A 130 -0.99 -4.36 0.26
C THR A 130 -2.09 -3.34 0.56
N GLY A 131 -1.78 -2.07 0.36
CA GLY A 131 -2.76 -1.01 0.60
C GLY A 131 -3.48 -0.61 -0.69
N ALA A 132 -3.28 -1.38 -1.77
CA ALA A 132 -3.95 -1.10 -3.07
C ALA A 132 -5.00 -2.17 -3.34
N ASP A 133 -6.24 -1.75 -3.61
CA ASP A 133 -7.28 -2.72 -3.98
C ASP A 133 -6.99 -3.26 -5.39
N ASP A 134 -6.47 -2.39 -6.24
CA ASP A 134 -6.28 -2.67 -7.67
C ASP A 134 -4.84 -2.54 -8.07
N THR A 135 -4.56 -2.99 -9.29
CA THR A 135 -3.21 -2.92 -9.88
C THR A 135 -3.24 -1.77 -10.86
N VAL A 136 -2.28 -0.86 -10.74
CA VAL A 136 -2.30 0.39 -11.52
C VAL A 136 -0.95 0.51 -12.18
N ILE A 137 -0.97 0.54 -13.52
CA ILE A 137 0.26 0.59 -14.29
C ILE A 137 0.31 1.87 -15.16
N GLU A 138 1.47 2.49 -15.20
CA GLU A 138 1.74 3.66 -16.03
C GLU A 138 1.30 3.47 -17.45
N GLU A 139 1.06 4.60 -18.12
CA GLU A 139 0.53 4.57 -19.47
C GLU A 139 1.29 3.56 -20.29
N ASN A 141 0.32 1.07 -23.89
CA ASN A 141 -0.66 0.84 -24.90
C ASN A 141 -1.07 -0.63 -24.94
N LEU A 142 -1.85 -1.04 -23.96
CA LEU A 142 -2.38 -2.42 -23.89
C LEU A 142 -3.42 -2.59 -24.98
N PRO A 143 -3.46 -3.78 -25.59
CA PRO A 143 -4.52 -4.02 -26.56
C PRO A 143 -5.78 -4.45 -25.83
N GLY A 144 -6.90 -4.39 -26.52
CA GLY A 144 -8.13 -4.86 -25.97
C GLY A 144 -9.04 -3.69 -25.64
N TRP A 146 -11.75 -1.82 -23.05
CA TRP A 146 -11.51 -1.40 -21.68
C TRP A 146 -12.76 -0.67 -21.26
N LYS A 147 -12.84 -0.27 -20.00
CA LYS A 147 -13.90 0.63 -19.58
C LYS A 147 -13.33 1.75 -18.71
N PRO A 148 -13.80 2.99 -18.90
CA PRO A 148 -13.28 3.99 -17.97
C PRO A 148 -13.63 3.73 -16.50
N LYS A 149 -12.75 4.18 -15.61
CA LYS A 149 -12.92 3.97 -14.20
C LYS A 149 -12.19 5.12 -13.53
N ILE A 151 -10.16 5.81 -9.80
CA ILE A 151 -9.69 5.19 -8.59
C ILE A 151 -9.11 6.27 -7.68
N GLY A 152 -9.19 6.03 -6.38
CA GLY A 152 -8.84 7.07 -5.44
C GLY A 152 -7.65 6.74 -4.58
N GLY A 153 -7.09 7.76 -3.98
CA GLY A 153 -6.31 7.60 -2.74
C GLY A 153 -5.93 8.97 -2.24
N ILE A 154 -4.71 9.13 -1.74
CA ILE A 154 -4.30 10.44 -1.24
C ILE A 154 -4.24 11.42 -2.42
N GLY A 156 -7.12 12.47 -3.93
CA GLY A 156 -8.39 12.39 -4.63
C GLY A 156 -8.35 11.23 -5.60
N PHE A 157 -8.83 11.46 -6.82
CA PHE A 157 -9.07 10.43 -7.83
C PHE A 157 -8.39 10.75 -9.12
N ILE A 158 -7.97 9.68 -9.79
CA ILE A 158 -7.49 9.79 -11.16
C ILE A 158 -8.35 8.93 -12.07
N LYS A 159 -8.40 9.30 -13.35
CA LYS A 159 -9.12 8.49 -14.35
C LYS A 159 -8.17 7.44 -14.93
N VAL A 160 -8.65 6.22 -15.08
CA VAL A 160 -7.84 5.14 -15.65
C VAL A 160 -8.64 4.35 -16.65
N ARG A 161 -7.96 3.48 -17.41
CA ARG A 161 -8.59 2.57 -18.34
C ARG A 161 -8.54 1.19 -17.73
N GLN A 162 -9.69 0.53 -17.57
CA GLN A 162 -9.72 -0.79 -16.91
C GLN A 162 -9.63 -1.88 -17.95
N TYR A 163 -8.65 -2.76 -17.82
CA TYR A 163 -8.50 -3.88 -18.78
C TYR A 163 -8.67 -5.15 -17.99
N ASP A 164 -9.44 -6.11 -18.50
CA ASP A 164 -9.60 -7.35 -17.76
C ASP A 164 -8.77 -8.48 -18.37
N GLN A 165 -8.49 -9.49 -17.55
CA GLN A 165 -7.83 -10.74 -17.96
C GLN A 165 -6.50 -10.49 -18.67
N ILE A 166 -5.70 -9.64 -18.04
CA ILE A 166 -4.41 -9.32 -18.54
C ILE A 166 -3.40 -10.21 -17.80
N PRO A 167 -2.63 -11.00 -18.55
CA PRO A 167 -1.54 -11.77 -17.88
C PRO A 167 -0.40 -10.88 -17.36
N VAL A 168 -0.01 -11.07 -16.09
CA VAL A 168 1.07 -10.29 -15.46
C VAL A 168 1.96 -11.24 -14.67
N GLU A 169 3.22 -11.38 -15.09
CA GLU A 169 4.17 -12.21 -14.34
C GLU A 169 4.91 -11.35 -13.30
N ILE A 170 4.91 -11.77 -12.04
CA ILE A 170 5.48 -10.96 -10.94
C ILE A 170 6.59 -11.76 -10.32
N GLY A 172 8.55 -13.76 -11.58
CA GLY A 172 8.54 -15.14 -12.09
C GLY A 172 7.24 -15.89 -11.82
N HIS A 173 6.32 -15.26 -11.09
CA HIS A 173 5.03 -15.90 -10.78
C HIS A 173 3.91 -15.36 -11.68
N LYS A 174 3.18 -16.27 -12.33
CA LYS A 174 2.18 -15.88 -13.34
C LYS A 174 0.90 -15.47 -12.62
N ALA A 175 0.30 -14.35 -13.04
CA ALA A 175 -1.02 -13.93 -12.57
C ALA A 175 -1.82 -13.46 -13.79
N ILE A 176 -3.12 -13.29 -13.59
CA ILE A 176 -3.97 -12.81 -14.68
C ILE A 176 -5.20 -12.16 -14.10
N GLY A 177 -5.40 -10.89 -14.43
CA GLY A 177 -6.53 -10.19 -13.86
C GLY A 177 -6.64 -8.78 -14.39
N THR A 178 -7.31 -7.95 -13.62
CA THR A 178 -7.64 -6.63 -14.10
C THR A 178 -6.46 -5.73 -13.85
N VAL A 179 -6.11 -4.94 -14.86
CA VAL A 179 -5.08 -3.96 -14.74
C VAL A 179 -5.65 -2.60 -15.08
N LEU A 180 -5.37 -1.60 -14.24
CA LEU A 180 -5.84 -0.25 -14.53
C LEU A 180 -4.68 0.56 -15.09
N VAL A 181 -4.92 1.25 -16.20
CA VAL A 181 -3.85 1.99 -16.86
C VAL A 181 -4.13 3.47 -16.76
N GLY A 182 -3.16 4.21 -16.25
CA GLY A 182 -3.28 5.65 -16.19
C GLY A 182 -2.08 6.27 -15.53
N PRO A 183 -2.11 7.60 -15.31
CA PRO A 183 -1.01 8.44 -14.83
C PRO A 183 -0.78 8.26 -13.34
N THR A 184 -0.39 7.06 -12.98
CA THR A 184 0.05 6.82 -11.61
C THR A 184 1.52 7.27 -11.46
N PRO A 185 1.88 7.86 -10.30
CA PRO A 185 3.31 8.19 -10.11
C PRO A 185 4.22 6.99 -9.98
N VAL A 186 3.67 5.83 -9.57
CA VAL A 186 4.43 4.60 -9.37
C VAL A 186 3.53 3.45 -9.81
N ASN A 187 4.11 2.46 -10.50
CA ASN A 187 3.37 1.28 -10.90
C ASN A 187 3.08 0.43 -9.66
N ILE A 188 1.85 -0.05 -9.51
CA ILE A 188 1.44 -0.67 -8.25
C ILE A 188 0.80 -2.01 -8.52
N ILE A 189 1.30 -3.06 -7.84
CA ILE A 189 0.64 -4.35 -7.87
C ILE A 189 -0.23 -4.45 -6.62
N GLY A 190 -1.55 -4.55 -6.82
CA GLY A 190 -2.46 -4.50 -5.66
C GLY A 190 -3.02 -5.87 -5.34
N ARG A 191 -3.96 -5.91 -4.40
CA ARG A 191 -4.40 -7.19 -3.84
C ARG A 191 -5.00 -8.08 -4.88
N ASN A 192 -5.63 -7.53 -5.90
CA ASN A 192 -6.28 -8.41 -6.88
C ASN A 192 -5.31 -9.44 -7.48
N LEU A 193 -4.03 -9.06 -7.63
CA LEU A 193 -2.97 -9.97 -8.15
C LEU A 193 -2.08 -10.56 -7.07
N LEU A 194 -1.86 -9.83 -5.99
CA LEU A 194 -1.01 -10.38 -4.90
C LEU A 194 -1.63 -11.65 -4.34
N THR A 195 -2.96 -11.74 -4.33
CA THR A 195 -3.61 -12.95 -3.81
C THR A 195 -3.33 -14.17 -4.72
N GLN A 196 -3.17 -13.89 -6.00
CA GLN A 196 -3.01 -15.00 -6.98
C GLN A 196 -1.63 -15.61 -6.88
N ILE A 197 -0.65 -14.79 -6.49
CA ILE A 197 0.70 -15.29 -6.20
C ILE A 197 0.92 -15.71 -4.72
N GLY A 198 -0.16 -15.78 -3.95
CA GLY A 198 -0.10 -16.27 -2.57
C GLY A 198 0.71 -15.40 -1.61
N THR A 200 1.56 -12.93 1.38
CA THR A 200 1.03 -12.71 2.72
C THR A 200 1.90 -11.69 3.43
N LEU A 201 1.29 -11.03 4.43
CA LEU A 201 2.03 -10.22 5.37
C LEU A 201 2.29 -11.10 6.56
N ASN A 202 3.50 -10.99 7.11
CA ASN A 202 3.86 -11.85 8.22
C ASN A 202 4.57 -11.06 9.29
N PHE A 203 4.17 -11.20 10.56
CA PHE A 203 4.93 -10.58 11.64
C PHE A 203 4.92 -11.21 13.02
N PRO B 1 9.89 -16.03 -2.15
CA PRO B 1 10.81 -15.01 -1.59
C PRO B 1 10.16 -14.24 -0.44
N GLN B 2 11.02 -13.72 0.44
CA GLN B 2 10.64 -12.85 1.52
C GLN B 2 11.18 -11.48 1.14
N ILE B 3 10.36 -10.46 1.31
CA ILE B 3 10.74 -9.12 0.96
C ILE B 3 10.58 -8.24 2.20
N THR B 4 11.68 -7.62 2.63
CA THR B 4 11.61 -6.78 3.81
C THR B 4 11.15 -5.40 3.36
N LEU B 5 10.89 -4.53 4.33
CA LEU B 5 10.22 -3.29 4.01
C LEU B 5 11.11 -2.10 4.34
N TRP B 6 12.44 -2.35 4.41
CA TRP B 6 13.36 -1.25 4.66
C TRP B 6 13.32 -0.23 3.55
N LYS B 7 13.11 -0.70 2.31
CA LYS B 7 12.93 0.23 1.17
C LYS B 7 11.60 -0.11 0.48
N ARG B 8 11.19 0.70 -0.47
CA ARG B 8 9.96 0.39 -1.22
C ARG B 8 10.16 -0.96 -1.87
N PRO B 9 9.17 -1.86 -1.73
CA PRO B 9 9.19 -3.21 -2.30
C PRO B 9 8.90 -3.24 -3.79
N LEU B 10 9.94 -2.85 -4.54
CA LEU B 10 9.89 -2.77 -5.98
C LEU B 10 10.44 -4.06 -6.56
N VAL B 11 9.71 -4.60 -7.52
CA VAL B 11 10.07 -5.86 -8.16
C VAL B 11 9.81 -5.71 -9.62
N THR B 12 10.40 -6.60 -10.40
CA THR B 12 10.18 -6.63 -11.85
C THR B 12 8.90 -7.39 -12.21
N ILE B 13 8.06 -6.76 -13.04
CA ILE B 13 6.89 -7.47 -13.58
C ILE B 13 6.99 -7.60 -15.10
N ARG B 14 6.22 -8.52 -15.68
CA ARG B 14 6.05 -8.59 -17.12
C ARG B 14 4.58 -8.41 -17.44
N ILE B 15 4.26 -7.44 -18.30
CA ILE B 15 2.89 -7.23 -18.72
C ILE B 15 2.85 -6.78 -20.17
N GLY B 16 1.98 -7.41 -20.95
CA GLY B 16 1.82 -7.00 -22.37
C GLY B 16 3.10 -7.22 -23.15
N GLY B 17 3.89 -8.19 -22.70
CA GLY B 17 5.18 -8.48 -23.28
C GLY B 17 6.28 -7.49 -22.90
N GLN B 18 5.96 -6.56 -21.98
CA GLN B 18 6.87 -5.51 -21.53
C GLN B 18 7.29 -5.74 -20.08
N LEU B 19 8.56 -5.50 -19.78
CA LEU B 19 9.03 -5.56 -18.40
C LEU B 19 8.95 -4.18 -17.78
N LYS B 20 8.43 -4.10 -16.54
CA LYS B 20 8.32 -2.83 -15.81
C LYS B 20 8.66 -3.08 -14.34
N GLU B 21 8.86 -2.02 -13.59
CA GLU B 21 9.14 -2.16 -12.16
C GLU B 21 7.88 -1.73 -11.45
N ALA B 22 7.48 -2.46 -10.41
CA ALA B 22 6.25 -2.11 -9.71
C ALA B 22 6.36 -2.41 -8.24
N LEU B 23 5.53 -1.71 -7.47
CA LEU B 23 5.55 -1.76 -6.01
C LEU B 23 4.52 -2.82 -5.59
N LEU B 24 4.95 -3.77 -4.75
CA LEU B 24 4.02 -4.75 -4.20
C LEU B 24 3.24 -4.05 -3.07
N ASP B 25 1.94 -3.82 -3.25
CA ASP B 25 1.25 -2.85 -2.38
C ASP B 25 0.00 -3.41 -1.75
N THR B 26 0.14 -3.81 -0.49
CA THR B 26 -0.99 -4.36 0.26
C THR B 26 -2.09 -3.34 0.56
N GLY B 27 -1.78 -2.07 0.36
CA GLY B 27 -2.76 -1.01 0.60
C GLY B 27 -3.48 -0.61 -0.69
N ALA B 28 -3.28 -1.38 -1.77
CA ALA B 28 -3.95 -1.10 -3.07
C ALA B 28 -5.00 -2.17 -3.34
N ASP B 29 -6.24 -1.75 -3.61
CA ASP B 29 -7.28 -2.72 -3.98
C ASP B 29 -6.99 -3.26 -5.39
N ASP B 30 -6.47 -2.39 -6.24
CA ASP B 30 -6.28 -2.67 -7.67
C ASP B 30 -4.84 -2.54 -8.07
N THR B 31 -4.56 -2.99 -9.29
CA THR B 31 -3.21 -2.92 -9.88
C THR B 31 -3.24 -1.77 -10.86
N VAL B 32 -2.28 -0.86 -10.74
CA VAL B 32 -2.30 0.39 -11.52
C VAL B 32 -0.95 0.51 -12.18
N ILE B 33 -0.97 0.54 -13.52
CA ILE B 33 0.26 0.59 -14.29
C ILE B 33 0.31 1.87 -15.16
N GLU B 34 1.47 2.49 -15.20
CA GLU B 34 1.74 3.66 -16.03
C GLU B 34 1.30 3.47 -17.45
N GLU B 35 1.06 4.60 -18.12
CA GLU B 35 0.53 4.57 -19.47
C GLU B 35 1.29 3.56 -20.29
N ASN B 37 0.32 1.07 -23.89
CA ASN B 37 -0.66 0.84 -24.90
C ASN B 37 -1.07 -0.63 -24.94
N LEU B 38 -1.85 -1.04 -23.96
CA LEU B 38 -2.38 -2.42 -23.89
C LEU B 38 -3.42 -2.59 -24.98
N PRO B 39 -3.46 -3.78 -25.59
CA PRO B 39 -4.52 -4.02 -26.56
C PRO B 39 -5.78 -4.45 -25.83
N GLY B 40 -6.90 -4.39 -26.52
CA GLY B 40 -8.13 -4.86 -25.97
C GLY B 40 -9.04 -3.69 -25.64
N TRP B 42 -11.75 -1.82 -23.05
CA TRP B 42 -11.51 -1.40 -21.68
C TRP B 42 -12.76 -0.67 -21.26
N LYS B 43 -12.84 -0.27 -20.00
CA LYS B 43 -13.90 0.63 -19.58
C LYS B 43 -13.33 1.75 -18.71
N PRO B 44 -13.80 2.99 -18.90
CA PRO B 44 -13.28 3.99 -17.97
C PRO B 44 -13.63 3.73 -16.50
N LYS B 45 -12.75 4.18 -15.61
CA LYS B 45 -12.92 3.97 -14.20
C LYS B 45 -12.19 5.12 -13.53
N ILE B 47 -10.16 5.81 -9.80
CA ILE B 47 -9.69 5.19 -8.59
C ILE B 47 -9.11 6.27 -7.68
N GLY B 48 -9.19 6.03 -6.38
CA GLY B 48 -8.84 7.07 -5.44
C GLY B 48 -7.65 6.74 -4.58
N GLY B 49 -7.09 7.76 -3.98
CA GLY B 49 -5.80 7.60 -3.33
C GLY B 49 -5.66 8.71 -2.33
N ILE B 50 -4.47 8.83 -1.77
CA ILE B 50 -4.25 9.77 -0.68
C ILE B 50 -4.83 11.15 -0.95
N ALA B 51 -4.65 11.69 -2.15
CA ALA B 51 -5.10 13.06 -2.44
C ALA B 51 -6.32 13.22 -3.37
N GLY B 52 -6.98 12.11 -3.70
CA GLY B 52 -8.11 12.22 -4.63
C GLY B 52 -8.05 11.22 -5.77
N PHE B 53 -8.83 11.46 -6.82
CA PHE B 53 -9.07 10.43 -7.83
C PHE B 53 -8.39 10.75 -9.12
N ILE B 54 -7.97 9.68 -9.79
CA ILE B 54 -7.49 9.79 -11.16
C ILE B 54 -8.35 8.93 -12.07
N LYS B 55 -8.40 9.30 -13.35
CA LYS B 55 -9.12 8.49 -14.35
C LYS B 55 -8.17 7.44 -14.93
N VAL B 56 -8.65 6.22 -15.08
CA VAL B 56 -7.84 5.14 -15.65
C VAL B 56 -8.64 4.35 -16.65
N ARG B 57 -7.96 3.48 -17.41
CA ARG B 57 -8.59 2.57 -18.34
C ARG B 57 -8.54 1.19 -17.73
N GLN B 58 -9.69 0.53 -17.57
CA GLN B 58 -9.72 -0.79 -16.91
C GLN B 58 -9.63 -1.88 -17.95
N TYR B 59 -8.65 -2.76 -17.82
CA TYR B 59 -8.50 -3.88 -18.78
C TYR B 59 -8.67 -5.15 -17.99
N ASP B 60 -9.44 -6.11 -18.50
CA ASP B 60 -9.60 -7.35 -17.76
C ASP B 60 -8.77 -8.48 -18.37
N GLN B 61 -8.49 -9.49 -17.55
CA GLN B 61 -7.83 -10.74 -17.96
C GLN B 61 -6.50 -10.49 -18.67
N ILE B 62 -5.70 -9.64 -18.04
CA ILE B 62 -4.41 -9.32 -18.54
C ILE B 62 -3.40 -10.21 -17.80
N PRO B 63 -2.63 -11.00 -18.55
CA PRO B 63 -1.54 -11.77 -17.88
C PRO B 63 -0.40 -10.88 -17.36
N VAL B 64 -0.01 -11.07 -16.09
CA VAL B 64 1.07 -10.29 -15.46
C VAL B 64 1.96 -11.24 -14.67
N GLU B 65 3.22 -11.38 -15.09
CA GLU B 65 4.17 -12.21 -14.34
C GLU B 65 4.91 -11.35 -13.30
N ILE B 66 4.91 -11.77 -12.04
CA ILE B 66 5.48 -10.96 -10.94
C ILE B 66 6.59 -11.76 -10.32
N GLY B 68 8.55 -13.76 -11.58
CA GLY B 68 8.54 -15.14 -12.09
C GLY B 68 7.24 -15.89 -11.82
N HIS B 69 6.32 -15.26 -11.09
CA HIS B 69 5.03 -15.90 -10.78
C HIS B 69 3.91 -15.36 -11.68
N LYS B 70 3.18 -16.27 -12.33
CA LYS B 70 2.18 -15.88 -13.34
C LYS B 70 0.90 -15.47 -12.62
N ALA B 71 0.30 -14.35 -13.04
CA ALA B 71 -1.02 -13.93 -12.57
C ALA B 71 -1.82 -13.46 -13.79
N ILE B 72 -3.12 -13.29 -13.59
CA ILE B 72 -3.97 -12.81 -14.68
C ILE B 72 -5.20 -12.16 -14.10
N GLY B 73 -5.40 -10.89 -14.43
CA GLY B 73 -6.53 -10.19 -13.86
C GLY B 73 -6.64 -8.78 -14.39
N THR B 74 -7.31 -7.95 -13.62
CA THR B 74 -7.64 -6.63 -14.10
C THR B 74 -6.46 -5.73 -13.85
N VAL B 75 -6.11 -4.94 -14.86
CA VAL B 75 -5.08 -3.96 -14.74
C VAL B 75 -5.65 -2.60 -15.08
N LEU B 76 -5.37 -1.60 -14.24
CA LEU B 76 -5.84 -0.25 -14.53
C LEU B 76 -4.68 0.56 -15.09
N VAL B 77 -4.92 1.25 -16.20
CA VAL B 77 -3.85 1.99 -16.86
C VAL B 77 -4.13 3.47 -16.76
N GLY B 78 -3.16 4.21 -16.25
CA GLY B 78 -3.28 5.65 -16.19
C GLY B 78 -2.08 6.27 -15.53
N PRO B 79 -2.11 7.60 -15.31
CA PRO B 79 -1.01 8.44 -14.83
C PRO B 79 -0.78 8.26 -13.34
N THR B 80 -0.39 7.06 -12.98
CA THR B 80 0.05 6.82 -11.61
C THR B 80 1.52 7.27 -11.46
N PRO B 81 1.88 7.86 -10.30
CA PRO B 81 3.31 8.19 -10.11
C PRO B 81 4.22 6.99 -9.98
N VAL B 82 3.67 5.83 -9.57
CA VAL B 82 4.43 4.60 -9.37
C VAL B 82 3.53 3.45 -9.81
N ASN B 83 4.11 2.46 -10.50
CA ASN B 83 3.37 1.28 -10.90
C ASN B 83 3.08 0.43 -9.66
N ILE B 84 1.85 -0.05 -9.51
CA ILE B 84 1.44 -0.67 -8.25
C ILE B 84 0.80 -2.01 -8.52
N ILE B 85 1.30 -3.06 -7.84
CA ILE B 85 0.64 -4.35 -7.87
C ILE B 85 -0.23 -4.45 -6.62
N GLY B 86 -1.55 -4.55 -6.82
CA GLY B 86 -2.46 -4.50 -5.66
C GLY B 86 -3.02 -5.87 -5.34
N ARG B 87 -3.96 -5.91 -4.40
CA ARG B 87 -4.40 -7.19 -3.84
C ARG B 87 -5.00 -8.08 -4.88
N ASN B 88 -5.63 -7.53 -5.90
CA ASN B 88 -6.28 -8.41 -6.88
C ASN B 88 -5.31 -9.44 -7.48
N LEU B 89 -4.03 -9.06 -7.63
CA LEU B 89 -2.97 -9.97 -8.15
C LEU B 89 -2.08 -10.56 -7.07
N LEU B 90 -1.86 -9.83 -5.99
CA LEU B 90 -1.01 -10.38 -4.90
C LEU B 90 -1.63 -11.65 -4.34
N THR B 91 -2.96 -11.74 -4.33
CA THR B 91 -3.61 -12.95 -3.81
C THR B 91 -3.33 -14.17 -4.72
N GLN B 92 -3.17 -13.89 -6.00
CA GLN B 92 -3.01 -15.00 -6.98
C GLN B 92 -1.63 -15.61 -6.88
N ILE B 93 -0.65 -14.79 -6.49
CA ILE B 93 0.70 -15.29 -6.20
C ILE B 93 0.92 -15.71 -4.72
N GLY B 94 -0.16 -15.78 -3.95
CA GLY B 94 -0.10 -16.27 -2.57
C GLY B 94 0.71 -15.40 -1.61
N THR B 96 1.56 -12.93 1.38
CA THR B 96 1.03 -12.71 2.72
C THR B 96 1.90 -11.69 3.43
N LEU B 97 1.29 -11.03 4.43
CA LEU B 97 2.03 -10.22 5.37
C LEU B 97 2.29 -11.10 6.56
N ASN B 98 3.50 -10.99 7.11
CA ASN B 98 3.86 -11.85 8.22
C ASN B 98 4.57 -11.06 9.29
N PHE B 99 4.17 -11.20 10.56
CA PHE B 99 4.93 -10.58 11.64
C PHE B 99 4.92 -11.21 13.02
N GLY B 101 7.04 -12.71 16.49
CA GLY B 101 6.77 -13.76 17.48
C GLY B 101 6.45 -15.11 16.86
N GLY B 102 6.83 -16.19 17.51
CA GLY B 102 6.56 -17.51 16.97
C GLY B 102 5.84 -17.29 15.65
N GLY B 103 6.50 -16.57 14.76
CA GLY B 103 5.88 -16.18 13.49
C GLY B 103 5.22 -14.81 13.55
N GLY B 104 4.32 -14.62 14.52
CA GLY B 104 3.45 -13.45 14.53
C GLY B 104 2.31 -13.75 13.55
N PRO B 105 1.29 -12.85 13.46
CA PRO B 105 0.17 -13.23 12.59
C PRO B 105 0.61 -13.34 11.12
N GLN B 106 -0.08 -14.18 10.35
CA GLN B 106 0.07 -14.25 8.88
C GLN B 106 -1.26 -13.77 8.32
N ILE B 107 -1.20 -12.80 7.42
CA ILE B 107 -2.41 -12.13 6.95
C ILE B 107 -2.45 -12.22 5.44
N THR B 108 -3.55 -12.75 4.92
CA THR B 108 -3.71 -12.91 3.49
C THR B 108 -4.43 -11.69 2.98
N LEU B 109 -4.58 -11.59 1.68
CA LEU B 109 -4.94 -10.30 1.10
C LEU B 109 -6.25 -10.34 0.31
N TRP B 110 -7.09 -11.35 0.59
CA TRP B 110 -8.39 -11.37 -0.08
C TRP B 110 -9.28 -10.24 0.34
N LYS B 111 -9.04 -9.68 1.53
CA LYS B 111 -9.76 -8.48 2.00
C LYS B 111 -8.69 -7.45 2.32
N ARG B 112 -9.06 -6.16 2.43
CA ARG B 112 -8.10 -5.17 2.98
C ARG B 112 -7.52 -5.62 4.32
N PRO B 113 -6.18 -5.53 4.47
CA PRO B 113 -5.51 -5.91 5.71
C PRO B 113 -5.70 -4.86 6.80
N LEU B 114 -6.95 -4.75 7.27
CA LEU B 114 -7.29 -3.78 8.34
C LEU B 114 -7.03 -4.43 9.68
N VAL B 115 -6.32 -3.72 10.55
CA VAL B 115 -6.05 -4.19 11.91
C VAL B 115 -6.40 -3.10 12.90
N THR B 116 -6.61 -3.48 14.14
CA THR B 116 -6.82 -2.47 15.18
C THR B 116 -5.46 -1.96 15.71
N ILE B 117 -5.34 -0.65 15.91
CA ILE B 117 -4.12 -0.12 16.48
C ILE B 117 -4.52 0.64 17.76
N ARG B 118 -3.57 0.81 18.66
CA ARG B 118 -3.76 1.75 19.80
C ARG B 118 -2.78 2.91 19.66
N ILE B 119 -3.28 4.13 19.80
CA ILE B 119 -2.50 5.34 19.52
C ILE B 119 -3.14 6.46 20.36
N GLY B 120 -2.29 7.19 21.09
CA GLY B 120 -2.74 8.23 22.02
C GLY B 120 -3.78 7.73 23.02
N GLY B 121 -3.74 6.45 23.40
CA GLY B 121 -4.72 5.87 24.31
C GLY B 121 -6.08 5.47 23.71
N GLN B 122 -6.26 5.66 22.41
CA GLN B 122 -7.54 5.39 21.71
C GLN B 122 -7.35 4.20 20.74
N LEU B 123 -8.42 3.50 20.39
CA LEU B 123 -8.35 2.46 19.34
C LEU B 123 -8.73 3.02 17.98
N LYS B 124 -8.02 2.61 16.93
CA LYS B 124 -8.36 2.99 15.58
C LYS B 124 -8.19 1.76 14.70
N GLU B 125 -8.85 1.76 13.53
CA GLU B 125 -8.64 0.71 12.55
C GLU B 125 -7.70 1.28 11.46
N ALA B 126 -6.74 0.49 10.99
CA ALA B 126 -5.81 1.02 9.96
C ALA B 126 -5.34 -0.10 9.05
N LEU B 127 -4.92 0.27 7.84
CA LEU B 127 -4.50 -0.67 6.80
C LEU B 127 -3.02 -0.91 6.87
N LEU B 128 -2.60 -2.18 6.93
CA LEU B 128 -1.15 -2.46 6.82
C LEU B 128 -0.73 -2.27 5.38
N ASP B 129 0.11 -1.27 5.10
CA ASP B 129 0.26 -0.76 3.75
C ASP B 129 1.72 -0.74 3.27
N THR B 130 2.13 -1.78 2.56
CA THR B 130 3.52 -1.87 2.09
C THR B 130 3.82 -0.82 1.05
N GLY B 131 2.77 -0.26 0.42
CA GLY B 131 2.94 0.79 -0.60
C GLY B 131 3.02 2.22 -0.04
N ALA B 132 3.03 2.33 1.29
CA ALA B 132 3.18 3.64 1.94
C ALA B 132 4.54 3.78 2.63
N ASP B 133 5.25 4.86 2.32
CA ASP B 133 6.53 5.14 3.01
C ASP B 133 6.23 5.46 4.47
N ASP B 134 5.12 6.17 4.68
CA ASP B 134 4.80 6.72 5.99
C ASP B 134 3.44 6.27 6.53
N THR B 135 3.19 6.62 7.78
CA THR B 135 1.96 6.22 8.47
C THR B 135 1.05 7.46 8.53
N VAL B 136 -0.18 7.30 8.01
CA VAL B 136 -1.11 8.46 7.92
C VAL B 136 -2.44 8.11 8.55
N ILE B 137 -2.86 8.93 9.52
CA ILE B 137 -4.11 8.70 10.22
C ILE B 137 -5.01 9.92 10.06
N GLU B 138 -6.30 9.65 9.95
CA GLU B 138 -7.31 10.69 9.85
C GLU B 138 -7.16 11.70 11.00
N GLU B 139 -7.71 12.88 10.77
CA GLU B 139 -7.63 13.95 11.76
C GLU B 139 -8.07 13.42 13.12
N ASN B 141 -6.85 14.01 17.71
CA ASN B 141 -6.04 14.70 18.70
C ASN B 141 -4.96 13.74 19.11
N LEU B 142 -3.72 14.15 18.98
CA LEU B 142 -2.59 13.35 19.40
C LEU B 142 -1.81 14.11 20.41
N PRO B 143 -1.64 13.52 21.63
CA PRO B 143 -0.70 14.15 22.51
C PRO B 143 0.68 14.07 21.86
N GLY B 144 1.41 15.19 21.87
CA GLY B 144 2.62 15.34 21.06
C GLY B 144 2.72 16.78 20.55
N TRP B 146 3.80 18.96 16.95
CA TRP B 146 3.78 18.62 15.51
C TRP B 146 4.33 19.75 14.62
N LYS B 147 4.67 19.42 13.38
CA LYS B 147 5.08 20.42 12.39
C LYS B 147 4.46 20.10 11.03
N PRO B 148 4.18 21.13 10.21
CA PRO B 148 3.55 20.89 8.91
C PRO B 148 4.43 20.13 7.95
N LYS B 149 3.82 19.19 7.21
CA LYS B 149 4.50 18.44 6.17
C LYS B 149 3.50 18.24 5.00
N ILE B 151 2.65 15.35 1.87
CA ILE B 151 2.97 14.02 1.40
C ILE B 151 2.13 13.73 0.18
N GLY B 152 2.58 12.76 -0.62
CA GLY B 152 1.95 12.50 -1.90
C GLY B 152 1.40 11.10 -2.02
N GLY B 153 0.49 10.97 -2.97
CA GLY B 153 0.21 9.70 -3.64
C GLY B 153 -0.58 9.96 -4.91
N ILE B 154 -1.52 9.08 -5.18
CA ILE B 154 -2.50 9.29 -6.22
C ILE B 154 -3.40 10.43 -5.76
N GLY B 156 -2.42 13.44 -5.97
CA GLY B 156 -1.44 14.50 -5.79
C GLY B 156 -0.95 14.55 -4.35
N PHE B 157 -0.95 15.75 -3.77
CA PHE B 157 -0.35 15.96 -2.42
C PHE B 157 -1.36 16.51 -1.45
N ILE B 158 -1.19 16.16 -0.15
CA ILE B 158 -1.99 16.74 0.93
C ILE B 158 -1.09 17.33 2.01
N LYS B 159 -1.63 18.25 2.80
CA LYS B 159 -0.94 18.79 3.94
C LYS B 159 -1.27 17.93 5.16
N VAL B 160 -0.26 17.59 5.95
CA VAL B 160 -0.47 16.79 7.16
C VAL B 160 0.24 17.40 8.37
N ARG B 161 -0.05 16.88 9.57
CA ARG B 161 0.67 17.27 10.78
C ARG B 161 1.63 16.17 11.11
N GLN B 162 2.92 16.48 11.14
CA GLN B 162 3.92 15.44 11.45
C GLN B 162 4.21 15.34 12.97
N TYR B 163 3.89 14.18 13.57
CA TYR B 163 4.23 13.98 14.99
C TYR B 163 5.33 12.95 15.11
N ASP B 164 6.42 13.30 15.80
CA ASP B 164 7.51 12.38 15.91
C ASP B 164 7.44 11.59 17.22
N GLN B 165 8.02 10.39 17.18
CA GLN B 165 8.27 9.55 18.34
C GLN B 165 6.99 9.26 19.12
N ILE B 166 5.98 8.84 18.37
CA ILE B 166 4.67 8.51 18.95
C ILE B 166 4.60 6.99 19.14
N PRO B 167 4.30 6.52 20.36
CA PRO B 167 4.05 5.08 20.52
C PRO B 167 2.73 4.61 19.85
N VAL B 168 2.77 3.46 19.18
CA VAL B 168 1.59 2.93 18.45
C VAL B 168 1.65 1.43 18.63
N GLU B 169 0.55 0.78 19.02
CA GLU B 169 0.58 -0.65 19.15
C GLU B 169 -0.26 -1.23 18.02
N ILE B 170 0.34 -2.12 17.24
CA ILE B 170 -0.30 -2.55 15.99
C ILE B 170 -0.54 -4.04 16.14
N GLY B 172 -1.06 -5.49 18.81
CA GLY B 172 -0.30 -5.93 19.96
C GLY B 172 1.21 -5.80 19.84
N HIS B 173 1.70 -5.37 18.68
CA HIS B 173 3.17 -5.18 18.49
C HIS B 173 3.54 -3.74 18.63
N LYS B 174 4.59 -3.44 19.40
CA LYS B 174 4.85 -2.05 19.74
C LYS B 174 5.77 -1.39 18.72
N ALA B 175 5.51 -0.12 18.47
CA ALA B 175 6.36 0.69 17.60
C ALA B 175 6.38 2.09 18.24
N ILE B 176 7.40 2.88 17.95
CA ILE B 176 7.44 4.30 18.39
C ILE B 176 8.05 5.05 17.23
N GLY B 177 7.28 5.93 16.60
CA GLY B 177 7.78 6.52 15.38
C GLY B 177 6.88 7.62 14.90
N THR B 178 7.13 8.04 13.66
CA THR B 178 6.46 9.24 13.11
C THR B 178 5.06 8.90 12.66
N VAL B 179 4.11 9.75 13.02
CA VAL B 179 2.74 9.52 12.60
C VAL B 179 2.28 10.83 12.00
N LEU B 180 1.73 10.75 10.80
CA LEU B 180 1.23 11.92 10.08
C LEU B 180 -0.29 11.94 10.22
N VAL B 181 -0.84 13.12 10.51
CA VAL B 181 -2.27 13.27 10.73
C VAL B 181 -2.83 14.19 9.68
N GLY B 182 -3.82 13.71 8.95
CA GLY B 182 -4.38 14.52 7.87
C GLY B 182 -5.50 13.80 7.16
N PRO B 183 -6.03 14.41 6.08
CA PRO B 183 -7.15 13.92 5.21
C PRO B 183 -6.80 12.76 4.29
N THR B 184 -6.44 11.63 4.87
CA THR B 184 -6.29 10.42 4.11
C THR B 184 -7.66 9.72 4.02
N PRO B 185 -7.98 9.07 2.87
CA PRO B 185 -9.24 8.32 2.86
C PRO B 185 -9.33 7.12 3.75
N VAL B 186 -8.19 6.50 4.09
CA VAL B 186 -8.15 5.34 4.98
C VAL B 186 -6.90 5.51 5.87
N ASN B 187 -7.02 5.20 7.16
CA ASN B 187 -5.84 5.16 8.03
C ASN B 187 -4.86 4.11 7.55
N ILE B 188 -3.58 4.47 7.50
CA ILE B 188 -2.59 3.55 6.92
C ILE B 188 -1.36 3.44 7.81
N ILE B 189 -0.90 2.22 8.01
CA ILE B 189 0.40 1.98 8.67
C ILE B 189 1.40 1.73 7.55
N GLY B 190 2.37 2.62 7.40
CA GLY B 190 3.32 2.49 6.36
C GLY B 190 4.63 1.88 6.83
N ARG B 191 5.60 1.87 5.93
CA ARG B 191 6.82 1.08 6.16
C ARG B 191 7.60 1.58 7.36
N ASN B 192 7.48 2.86 7.68
CA ASN B 192 8.26 3.36 8.84
C ASN B 192 7.92 2.59 10.12
N LEU B 193 6.66 2.22 10.32
CA LEU B 193 6.29 1.39 11.47
C LEU B 193 6.25 -0.11 11.16
N LEU B 194 5.93 -0.49 9.90
CA LEU B 194 5.90 -1.93 9.57
C LEU B 194 7.27 -2.54 9.84
N THR B 195 8.33 -1.80 9.52
CA THR B 195 9.65 -2.31 9.81
C THR B 195 9.87 -2.49 11.31
N GLN B 196 9.27 -1.64 12.13
CA GLN B 196 9.55 -1.73 13.59
C GLN B 196 8.90 -2.98 14.18
N ILE B 197 7.81 -3.45 13.57
CA ILE B 197 7.10 -4.66 14.09
C ILE B 197 7.54 -5.96 13.40
N GLY B 198 8.54 -5.80 12.53
CA GLY B 198 9.20 -6.91 11.83
C GLY B 198 8.30 -7.51 10.77
N THR B 200 7.10 -8.51 7.09
CA THR B 200 7.67 -8.79 5.75
C THR B 200 6.56 -9.27 4.82
N LEU B 201 6.79 -9.20 3.51
CA LEU B 201 5.93 -9.78 2.53
C LEU B 201 6.54 -11.09 2.17
N ASN B 202 5.69 -12.07 1.90
CA ASN B 202 6.19 -13.42 1.63
C ASN B 202 5.35 -14.02 0.52
N PHE B 203 5.97 -14.70 -0.42
CA PHE B 203 5.18 -15.35 -1.45
C PHE B 203 4.88 -16.78 -1.03
N SER C 2 7.81 11.72 0.63
CA SER C 2 6.93 10.65 1.11
C SER C 2 5.88 10.35 0.06
N LEU C 3 5.84 9.09 -0.41
CA LEU C 3 4.81 8.60 -1.33
C LEU C 3 4.01 7.48 -0.69
N ASN C 4 2.68 7.54 -0.84
CA ASN C 4 1.82 6.70 -0.01
C ASN C 4 0.59 6.21 -0.78
N ILE C 6 -4.99 2.79 -2.59
CA ILE C 6 -5.72 2.73 -3.87
C ILE C 6 -7.05 2.11 -3.51
N SER D 2 -12.68 2.51 -5.48
CA SER D 2 -11.47 1.71 -5.35
C SER D 2 -10.32 2.60 -4.87
N LEU D 3 -9.62 2.15 -3.84
CA LEU D 3 -8.58 2.98 -3.21
C LEU D 3 -7.19 2.35 -3.30
N ASN D 4 -6.19 3.21 -3.48
CA ASN D 4 -4.85 2.75 -3.77
C ASN D 4 -3.80 3.65 -3.13
N ILE D 6 2.08 6.25 -0.85
CA ILE D 6 2.31 7.42 -0.01
C ILE D 6 3.81 7.70 -0.07
#